data_8B0D
#
_entry.id   8B0D
#
_cell.length_a   82.461
_cell.length_b   43.605
_cell.length_c   136.202
_cell.angle_alpha   90.000
_cell.angle_beta   98.685
_cell.angle_gamma   90.000
#
_symmetry.space_group_name_H-M   'I 1 2 1'
#
loop_
_entity.id
_entity.type
_entity.pdbx_description
1 polymer 'beta-glucuronidase from Acidobacterium capsulatum'
2 non-polymer ALANINE
3 non-polymer '(1~{S},2~{R},3~{R},4~{S},6~{S})-2-(2-acetamidoethoxy)-3,4,6-tris(oxidanyl)cyclohexane-1-carboxylic acid'
4 non-polymer 'SULFATE ION'
5 water water
#
_entity_poly.entity_id   1
_entity_poly.type   'polypeptide(L)'
_entity_poly.pdbx_seq_one_letter_code
;MAFARGGLAQTASQTTSSPVRVGLSVDASALGHTIPPDYTGLSYEQAQMANPNYFSGANTQLAGFLRTLGRQGVLRIGGN
TSEYTFWNRHAKPTAADEHLAAGPDKGHHAAAREVITPEAVNNLSEFLDKTGWKLIYGLNLGKGTPENAADEAAYVMETI
GADRLLAFQLGNEPDLFYRNGIRPASYDFAAYAGDWQRFFTAIRKRVPNAPFAGPDTAYNTKWLVPFADKFKHDVKFISS
HYYAEGPPTDPSMTIERLMKPNPRLLGETAGLKQVEADTGLPFRLTETNSCYQGGKQGVSDTFAAALWAGDLMYQQAAAG
STGINFHGGGYGWYTPVAGTPEDGFIARPEYYGMLLFAQAGAGQLLGAKLTDNSAAPLLTAYALRGTDGRTRIALFNKNL
DADVEVAISGVASPSGTVLRLEAPRADDTTDVTFGGAPVGASGSWSPLVQEYVPGHSGQFVLHMRKASGALLEFA
;
_entity_poly.pdbx_strand_id   AAA
#
loop_
_chem_comp.id
_chem_comp.type
_chem_comp.name
_chem_comp.formula
OUU non-polymer '(1~{S},2~{R},3~{R},4~{S},6~{S})-2-(2-acetamidoethoxy)-3,4,6-tris(oxidanyl)cyclohexane-1-carboxylic acid' 'C11 H19 N O7'
SO4 non-polymer 'SULFATE ION' 'O4 S -2'
#
# COMPACT_ATOMS: atom_id res chain seq x y z
N SER A 18 21.19 11.89 24.56
CA SER A 18 20.29 12.25 25.72
C SER A 18 18.83 12.17 25.27
N PRO A 19 18.25 10.93 25.22
CA PRO A 19 16.95 10.59 24.64
C PRO A 19 15.72 10.95 25.49
N VAL A 20 14.58 11.17 24.82
CA VAL A 20 13.25 11.27 25.50
C VAL A 20 12.90 9.88 26.02
N ARG A 21 12.59 9.79 27.32
CA ARG A 21 12.25 8.53 28.03
C ARG A 21 10.73 8.36 27.95
N VAL A 22 10.26 7.33 27.23
CA VAL A 22 8.81 7.06 27.03
C VAL A 22 8.52 5.61 27.45
N GLY A 23 7.27 5.40 27.87
CA GLY A 23 6.76 4.08 28.28
C GLY A 23 5.86 3.54 27.19
N LEU A 24 6.00 2.26 26.90
CA LEU A 24 5.07 1.56 25.98
C LEU A 24 4.50 0.34 26.71
N SER A 25 3.18 0.32 26.85
CA SER A 25 2.43 -0.78 27.51
C SER A 25 1.76 -1.62 26.43
N VAL A 26 2.29 -2.82 26.20
CA VAL A 26 1.69 -3.81 25.27
C VAL A 26 0.57 -4.51 26.04
N ASP A 27 -0.67 -4.24 25.65
CA ASP A 27 -1.86 -4.92 26.23
C ASP A 27 -2.35 -5.98 25.23
N ALA A 28 -1.90 -7.25 25.40
CA ALA A 28 -2.18 -8.42 24.53
C ALA A 28 -3.67 -8.75 24.54
N SER A 29 -4.44 -8.00 25.34
CA SER A 29 -5.90 -8.14 25.51
C SER A 29 -6.65 -6.99 24.83
N ALA A 30 -5.99 -5.87 24.56
CA ALA A 30 -6.57 -4.78 23.74
C ALA A 30 -6.49 -5.24 22.27
N LEU A 31 -7.43 -6.08 21.84
CA LEU A 31 -7.40 -6.71 20.49
C LEU A 31 -7.79 -5.66 19.46
N GLY A 32 -6.97 -5.53 18.43
CA GLY A 32 -7.30 -4.73 17.24
C GLY A 32 -7.68 -5.67 16.12
N HIS A 33 -7.55 -5.19 14.90
CA HIS A 33 -7.85 -5.97 13.67
C HIS A 33 -6.77 -7.01 13.42
N THR A 34 -7.15 -8.10 12.77
CA THR A 34 -6.25 -9.14 12.24
C THR A 34 -5.77 -8.69 10.87
N ILE A 35 -4.45 -8.69 10.65
CA ILE A 35 -3.84 -8.24 9.36
C ILE A 35 -3.90 -9.42 8.41
N PRO A 36 -4.65 -9.33 7.28
CA PRO A 36 -4.68 -10.44 6.33
C PRO A 36 -3.33 -10.64 5.66
N PRO A 37 -3.04 -11.86 5.14
CA PRO A 37 -1.74 -12.14 4.55
C PRO A 37 -1.53 -11.49 3.17
N ASP A 38 -2.59 -10.95 2.58
CA ASP A 38 -2.49 -10.28 1.25
C ASP A 38 -2.64 -8.77 1.45
N TYR A 39 -2.29 -8.28 2.65
CA TYR A 39 -2.43 -6.85 3.01
C TYR A 39 -1.54 -6.02 2.10
N THR A 40 -0.30 -6.46 1.87
CA THR A 40 0.68 -5.61 1.16
C THR A 40 0.31 -5.55 -0.33
N GLY A 41 0.80 -4.54 -1.03
CA GLY A 41 0.60 -4.47 -2.48
C GLY A 41 1.22 -3.24 -3.10
N LEU A 42 1.20 -3.23 -4.42
CA LEU A 42 1.74 -2.13 -5.26
C LEU A 42 0.68 -1.78 -6.29
N SER A 43 0.66 -0.52 -6.67
CA SER A 43 -0.15 0.01 -7.77
C SER A 43 0.79 0.42 -8.91
N TYR A 44 0.42 0.08 -10.14
CA TYR A 44 1.17 0.45 -11.36
C TYR A 44 0.22 1.03 -12.41
N GLU A 45 0.79 1.75 -13.36
CA GLU A 45 0.02 2.31 -14.51
C GLU A 45 -0.35 1.20 -15.49
N GLN A 46 -1.57 1.21 -15.99
CA GLN A 46 -2.04 0.24 -17.01
C GLN A 46 -1.13 0.33 -18.23
N ALA A 47 -0.62 1.52 -18.54
CA ALA A 47 0.27 1.72 -19.70
C ALA A 47 1.49 0.78 -19.63
N GLN A 48 1.92 0.36 -18.45
CA GLN A 48 3.10 -0.55 -18.36
C GLN A 48 2.82 -1.85 -19.15
N MET A 49 1.56 -2.22 -19.29
CA MET A 49 1.16 -3.45 -20.02
C MET A 49 1.26 -3.29 -21.55
N ALA A 50 1.57 -2.09 -22.06
CA ALA A 50 1.99 -1.82 -23.46
C ALA A 50 3.24 -2.65 -23.76
N ASN A 51 4.03 -2.91 -22.73
CA ASN A 51 5.29 -3.69 -22.83
C ASN A 51 5.04 -5.08 -22.25
N PRO A 52 4.84 -6.13 -23.09
CA PRO A 52 4.65 -7.48 -22.54
C PRO A 52 5.84 -8.07 -21.79
N ASN A 53 7.03 -7.49 -21.89
CA ASN A 53 8.24 -7.90 -21.12
C ASN A 53 8.17 -7.41 -19.65
N TYR A 54 7.22 -6.55 -19.28
CA TYR A 54 7.26 -5.89 -17.94
C TYR A 54 6.66 -6.83 -16.91
N PHE A 55 5.35 -7.04 -16.96
CA PHE A 55 4.64 -8.06 -16.13
C PHE A 55 4.71 -9.39 -16.88
N SER A 56 5.81 -10.11 -16.69
CA SER A 56 6.19 -11.30 -17.48
C SER A 56 6.82 -12.32 -16.54
N GLY A 57 6.64 -13.60 -16.82
CA GLY A 57 7.38 -14.64 -16.07
C GLY A 57 8.89 -14.49 -16.28
N ALA A 58 9.31 -13.84 -17.36
CA ALA A 58 10.74 -13.56 -17.70
C ALA A 58 11.31 -12.42 -16.82
N ASN A 59 10.44 -11.64 -16.18
CA ASN A 59 10.88 -10.51 -15.31
C ASN A 59 11.07 -11.03 -13.88
N THR A 60 12.09 -11.88 -13.71
CA THR A 60 12.44 -12.54 -12.43
C THR A 60 12.90 -11.47 -11.43
N GLN A 61 13.57 -10.41 -11.90
CA GLN A 61 14.08 -9.34 -11.00
C GLN A 61 12.88 -8.71 -10.29
N LEU A 62 11.89 -8.19 -11.02
CA LEU A 62 10.74 -7.50 -10.38
C LEU A 62 9.96 -8.50 -9.53
N ALA A 63 9.74 -9.72 -10.08
CA ALA A 63 9.02 -10.78 -9.36
C ALA A 63 9.69 -10.99 -8.00
N GLY A 64 11.04 -10.95 -7.98
CA GLY A 64 11.78 -11.15 -6.72
C GLY A 64 11.50 -10.06 -5.71
N PHE A 65 11.44 -8.81 -6.17
CA PHE A 65 11.11 -7.65 -5.31
C PHE A 65 9.72 -7.87 -4.71
N LEU A 66 8.72 -8.30 -5.47
CA LEU A 66 7.36 -8.50 -4.89
C LEU A 66 7.38 -9.64 -3.87
N ARG A 67 8.03 -10.76 -4.16
CA ARG A 67 8.01 -11.92 -3.23
C ARG A 67 8.54 -11.45 -1.86
N THR A 68 9.59 -10.64 -1.87
CA THR A 68 10.24 -10.12 -0.65
C THR A 68 9.24 -9.26 0.11
N LEU A 69 8.38 -8.47 -0.55
CA LEU A 69 7.35 -7.64 0.16
C LEU A 69 6.23 -8.49 0.76
N GLY A 70 6.00 -9.69 0.23
CA GLY A 70 5.01 -10.62 0.82
C GLY A 70 4.86 -11.88 0.00
N ARG A 71 4.72 -13.03 0.67
CA ARG A 71 4.30 -14.31 0.02
C ARG A 71 2.86 -14.16 -0.54
N GLN A 72 2.04 -13.29 0.04
CA GLN A 72 0.80 -12.85 -0.61
C GLN A 72 0.74 -11.33 -0.63
N GLY A 73 -0.04 -10.84 -1.57
CA GLY A 73 -0.14 -9.40 -1.80
C GLY A 73 -0.98 -9.20 -3.03
N VAL A 74 -1.18 -7.95 -3.38
CA VAL A 74 -2.05 -7.62 -4.53
C VAL A 74 -1.32 -6.63 -5.41
N LEU A 75 -1.23 -6.96 -6.70
CA LEU A 75 -0.82 -6.06 -7.79
C LEU A 75 -2.08 -5.34 -8.32
N ARG A 76 -2.07 -4.02 -8.22
CA ARG A 76 -3.17 -3.20 -8.77
C ARG A 76 -2.63 -2.52 -10.01
N ILE A 77 -3.34 -2.67 -11.12
CA ILE A 77 -2.98 -2.06 -12.41
C ILE A 77 -4.11 -1.11 -12.78
N GLY A 78 -3.81 0.17 -12.96
CA GLY A 78 -4.84 1.14 -13.33
C GLY A 78 -4.22 2.49 -13.55
N GLY A 79 -4.59 3.42 -12.70
CA GLY A 79 -4.02 4.78 -12.72
C GLY A 79 -4.57 5.62 -13.84
N ASN A 80 -4.04 6.84 -13.98
CA ASN A 80 -4.52 7.80 -15.01
C ASN A 80 -4.32 7.22 -16.42
N THR A 81 -3.26 6.45 -16.67
CA THR A 81 -3.03 5.85 -18.01
C THR A 81 -4.10 4.83 -18.38
N SER A 82 -4.87 4.30 -17.44
CA SER A 82 -5.97 3.35 -17.78
C SER A 82 -7.09 4.07 -18.52
N GLU A 83 -7.10 5.40 -18.60
CA GLU A 83 -8.10 6.09 -19.46
C GLU A 83 -7.58 6.18 -20.92
N TYR A 84 -6.31 5.84 -21.18
CA TYR A 84 -5.62 6.03 -22.49
C TYR A 84 -5.13 4.68 -23.01
N THR A 85 -5.47 3.59 -22.34
CA THR A 85 -4.98 2.23 -22.66
C THR A 85 -6.15 1.45 -23.26
N PHE A 86 -5.94 0.92 -24.46
CA PHE A 86 -6.98 0.28 -25.29
C PHE A 86 -6.63 -1.17 -25.63
N TRP A 87 -7.49 -2.05 -25.16
CA TRP A 87 -7.47 -3.51 -25.42
C TRP A 87 -7.72 -3.77 -26.91
N ASN A 88 -6.96 -4.67 -27.51
CA ASN A 88 -7.21 -5.14 -28.89
C ASN A 88 -6.77 -6.60 -28.99
N ARG A 89 -7.56 -7.42 -29.66
CA ARG A 89 -7.29 -8.86 -29.76
C ARG A 89 -6.22 -9.14 -30.82
N HIS A 90 -5.80 -8.17 -31.63
CA HIS A 90 -4.75 -8.36 -32.68
C HIS A 90 -3.51 -7.54 -32.34
N ARG A 113 -1.90 7.29 -26.26
CA ARG A 113 -2.67 6.05 -26.57
C ARG A 113 -1.74 4.82 -26.57
N GLU A 114 -2.04 3.81 -25.74
CA GLU A 114 -1.25 2.56 -25.59
C GLU A 114 -2.19 1.38 -25.87
N VAL A 115 -1.66 0.26 -26.37
CA VAL A 115 -2.48 -0.92 -26.76
C VAL A 115 -2.09 -2.11 -25.90
N ILE A 116 -3.07 -2.75 -25.27
CA ILE A 116 -2.94 -4.03 -24.54
C ILE A 116 -3.36 -5.17 -25.46
N THR A 117 -2.49 -6.18 -25.56
CA THR A 117 -2.62 -7.36 -26.45
C THR A 117 -2.84 -8.61 -25.61
N PRO A 118 -3.41 -9.69 -26.18
CA PRO A 118 -3.52 -10.97 -25.47
C PRO A 118 -2.14 -11.40 -24.94
N GLU A 119 -1.05 -11.17 -25.67
CA GLU A 119 0.35 -11.48 -25.22
C GLU A 119 0.61 -10.87 -23.84
N ALA A 120 0.30 -9.59 -23.66
CA ALA A 120 0.53 -8.86 -22.41
C ALA A 120 -0.28 -9.50 -21.29
N VAL A 121 -1.51 -9.91 -21.57
CA VAL A 121 -2.37 -10.49 -20.50
C VAL A 121 -1.82 -11.88 -20.15
N ASN A 122 -1.47 -12.64 -21.18
CA ASN A 122 -0.85 -14.00 -21.01
C ASN A 122 0.40 -13.89 -20.12
N ASN A 123 1.27 -12.92 -20.41
CA ASN A 123 2.54 -12.70 -19.67
C ASN A 123 2.25 -12.27 -18.24
N LEU A 124 1.20 -11.46 -18.01
CA LEU A 124 0.79 -11.03 -16.65
C LEU A 124 0.34 -12.23 -15.81
N SER A 125 -0.41 -13.16 -16.40
CA SER A 125 -0.81 -14.41 -15.72
C SER A 125 0.46 -15.15 -15.23
N GLU A 126 1.52 -15.21 -16.05
CA GLU A 126 2.80 -15.92 -15.73
C GLU A 126 3.54 -15.14 -14.63
N PHE A 127 3.53 -13.81 -14.69
CA PHE A 127 4.07 -12.93 -13.62
C PHE A 127 3.40 -13.20 -12.28
N LEU A 128 2.07 -13.28 -12.25
CA LEU A 128 1.28 -13.49 -11.02
C LEU A 128 1.57 -14.88 -10.47
N ASP A 129 1.83 -15.85 -11.35
CA ASP A 129 2.26 -17.22 -10.94
C ASP A 129 3.61 -17.15 -10.24
N LYS A 130 4.57 -16.37 -10.73
CA LYS A 130 5.93 -16.30 -10.13
C LYS A 130 5.85 -15.62 -8.76
N THR A 131 5.02 -14.61 -8.58
CA THR A 131 4.93 -13.84 -7.31
C THR A 131 3.95 -14.41 -6.26
N GLY A 132 2.98 -15.24 -6.65
CA GLY A 132 1.88 -15.61 -5.71
C GLY A 132 0.90 -14.47 -5.38
N TRP A 133 0.98 -13.33 -6.08
CA TRP A 133 0.09 -12.19 -5.79
C TRP A 133 -1.20 -12.27 -6.61
N LYS A 134 -2.25 -11.61 -6.12
CA LYS A 134 -3.56 -11.49 -6.78
C LYS A 134 -3.56 -10.15 -7.54
N LEU A 135 -4.64 -9.91 -8.30
CA LEU A 135 -4.72 -8.82 -9.31
C LEU A 135 -5.99 -7.98 -9.12
N ILE A 136 -5.82 -6.67 -9.07
CA ILE A 136 -6.89 -5.66 -9.30
C ILE A 136 -6.59 -5.04 -10.67
N TYR A 137 -7.55 -5.12 -11.58
CA TYR A 137 -7.32 -4.79 -13.01
C TYR A 137 -8.29 -3.68 -13.42
N GLY A 138 -7.74 -2.55 -13.84
CA GLY A 138 -8.53 -1.39 -14.28
C GLY A 138 -9.06 -1.60 -15.71
N LEU A 139 -10.31 -1.23 -15.94
CA LEU A 139 -10.94 -1.23 -17.27
C LEU A 139 -11.22 0.23 -17.65
N ASN A 140 -11.24 0.50 -18.94
CA ASN A 140 -11.21 1.87 -19.50
C ASN A 140 -12.65 2.39 -19.59
N LEU A 141 -13.16 2.94 -18.50
CA LEU A 141 -14.52 3.53 -18.43
C LEU A 141 -14.41 5.00 -18.89
N GLY A 142 -13.21 5.58 -18.80
CA GLY A 142 -13.02 6.99 -19.21
C GLY A 142 -13.19 7.19 -20.69
N LYS A 143 -12.47 6.43 -21.52
CA LYS A 143 -12.52 6.61 -23.00
C LYS A 143 -12.98 5.36 -23.74
N GLY A 144 -12.90 4.16 -23.16
CA GLY A 144 -13.30 2.95 -23.92
C GLY A 144 -14.79 2.72 -23.96
N THR A 145 -15.25 1.66 -24.64
CA THR A 145 -16.70 1.32 -24.70
C THR A 145 -17.01 0.22 -23.70
N PRO A 146 -18.29 0.07 -23.27
CA PRO A 146 -18.68 -1.09 -22.47
C PRO A 146 -18.27 -2.40 -23.15
N GLU A 147 -18.39 -2.45 -24.47
CA GLU A 147 -18.22 -3.73 -25.22
C GLU A 147 -16.74 -4.08 -25.22
N ASN A 148 -15.87 -3.07 -25.40
CA ASN A 148 -14.41 -3.29 -25.29
C ASN A 148 -14.04 -3.70 -23.85
N ALA A 149 -14.56 -3.05 -22.83
CA ALA A 149 -14.27 -3.46 -21.44
C ALA A 149 -14.74 -4.92 -21.22
N ALA A 150 -15.89 -5.31 -21.76
CA ALA A 150 -16.45 -6.68 -21.55
C ALA A 150 -15.50 -7.69 -22.20
N ASP A 151 -14.97 -7.32 -23.36
CA ASP A 151 -14.11 -8.21 -24.17
C ASP A 151 -12.78 -8.37 -23.41
N GLU A 152 -12.21 -7.26 -22.95
CA GLU A 152 -10.96 -7.26 -22.14
C GLU A 152 -11.17 -8.07 -20.86
N ALA A 153 -12.27 -7.85 -20.15
CA ALA A 153 -12.58 -8.55 -18.90
C ALA A 153 -12.70 -10.05 -19.19
N ALA A 154 -13.30 -10.41 -20.31
CA ALA A 154 -13.45 -11.85 -20.67
C ALA A 154 -12.07 -12.46 -20.85
N TYR A 155 -11.18 -11.80 -21.59
CA TYR A 155 -9.83 -12.36 -21.85
C TYR A 155 -9.05 -12.48 -20.54
N VAL A 156 -9.14 -11.47 -19.69
CA VAL A 156 -8.50 -11.51 -18.34
C VAL A 156 -9.04 -12.69 -17.51
N MET A 157 -10.35 -12.85 -17.42
CA MET A 157 -10.91 -13.94 -16.59
C MET A 157 -10.48 -15.27 -17.20
N GLU A 158 -10.52 -15.38 -18.53
CA GLU A 158 -10.12 -16.60 -19.30
C GLU A 158 -8.65 -16.98 -18.97
N THR A 159 -7.76 -16.01 -18.80
CA THR A 159 -6.30 -16.26 -18.77
C THR A 159 -5.80 -16.25 -17.32
N ILE A 160 -6.26 -15.26 -16.55
CA ILE A 160 -5.74 -15.06 -15.17
C ILE A 160 -6.55 -15.90 -14.18
N GLY A 161 -7.86 -15.97 -14.36
CA GLY A 161 -8.76 -16.86 -13.59
C GLY A 161 -9.29 -16.20 -12.35
N ALA A 162 -10.38 -16.78 -11.79
CA ALA A 162 -11.18 -16.26 -10.67
C ALA A 162 -10.38 -16.25 -9.35
N ASP A 163 -9.43 -17.17 -9.19
CA ASP A 163 -8.61 -17.31 -7.95
C ASP A 163 -7.65 -16.10 -7.83
N ARG A 164 -6.97 -15.74 -8.92
CA ARG A 164 -5.93 -14.67 -8.93
C ARG A 164 -6.55 -13.29 -9.20
N LEU A 165 -7.69 -13.22 -9.87
CA LEU A 165 -8.36 -11.91 -10.13
C LEU A 165 -9.23 -11.54 -8.93
N LEU A 166 -8.80 -10.55 -8.17
CA LEU A 166 -9.59 -10.07 -7.02
C LEU A 166 -10.72 -9.14 -7.44
N ALA A 167 -10.47 -8.23 -8.36
CA ALA A 167 -11.46 -7.22 -8.76
C ALA A 167 -11.08 -6.56 -10.09
N PHE A 168 -12.11 -6.29 -10.89
CA PHE A 168 -12.07 -5.26 -11.96
C PHE A 168 -12.43 -3.91 -11.36
N GLN A 169 -11.83 -2.86 -11.91
CA GLN A 169 -12.25 -1.48 -11.56
C GLN A 169 -12.64 -0.73 -12.84
N LEU A 170 -13.79 -0.04 -12.78
CA LEU A 170 -14.41 0.67 -13.93
C LEU A 170 -14.00 2.15 -13.83
N GLY A 171 -12.81 2.45 -14.34
CA GLY A 171 -12.28 3.82 -14.27
C GLY A 171 -11.42 4.06 -13.02
N ASN A 172 -10.40 4.91 -13.17
CA ASN A 172 -9.52 5.38 -12.08
C ASN A 172 -9.94 6.82 -11.74
N GLU A 173 -10.23 7.15 -10.47
CA GLU A 173 -10.51 8.55 -10.01
C GLU A 173 -11.56 9.23 -10.89
N PRO A 174 -12.76 8.65 -11.05
CA PRO A 174 -13.81 9.21 -11.91
C PRO A 174 -14.24 10.63 -11.49
N ASP A 175 -14.02 10.96 -10.22
CA ASP A 175 -14.35 12.30 -9.67
C ASP A 175 -13.41 13.36 -10.24
N LEU A 176 -12.27 12.96 -10.84
CA LEU A 176 -11.32 13.92 -11.45
C LEU A 176 -11.34 13.85 -12.97
N PHE A 177 -12.30 13.14 -13.57
CA PHE A 177 -12.40 13.05 -15.04
C PHE A 177 -12.57 14.46 -15.62
N TYR A 178 -13.33 15.30 -14.92
CA TYR A 178 -13.77 16.66 -15.34
C TYR A 178 -12.62 17.66 -15.30
N ARG A 179 -11.44 17.26 -14.83
CA ARG A 179 -10.23 18.11 -14.69
C ARG A 179 -9.23 17.85 -15.82
N ASN A 180 -9.24 16.65 -16.42
CA ASN A 180 -8.41 16.31 -17.62
C ASN A 180 -9.30 16.32 -18.87
N GLY A 181 -10.57 16.71 -18.71
CA GLY A 181 -11.54 16.78 -19.81
C GLY A 181 -11.95 15.39 -20.31
N ILE A 182 -11.60 14.30 -19.60
CA ILE A 182 -12.06 12.91 -19.92
C ILE A 182 -13.60 12.92 -19.87
N ARG A 183 -14.15 13.79 -19.04
CA ARG A 183 -15.59 14.10 -19.01
C ARG A 183 -15.67 15.62 -19.00
N PRO A 184 -16.83 16.18 -19.37
CA PRO A 184 -17.11 17.61 -19.20
C PRO A 184 -17.21 17.97 -17.72
N ALA A 185 -17.18 19.27 -17.47
CA ALA A 185 -17.25 19.84 -16.10
C ALA A 185 -18.54 19.38 -15.39
N SER A 186 -19.62 19.12 -16.10
CA SER A 186 -20.93 18.76 -15.49
C SER A 186 -20.95 17.31 -14.95
N TYR A 187 -19.94 16.50 -15.23
CA TYR A 187 -19.94 15.07 -14.80
C TYR A 187 -20.07 15.01 -13.27
N ASP A 188 -21.04 14.23 -12.78
CA ASP A 188 -21.28 14.12 -11.32
C ASP A 188 -21.43 12.64 -10.98
N PHE A 189 -21.70 12.33 -9.70
CA PHE A 189 -21.85 10.91 -9.28
C PHE A 189 -22.99 10.26 -10.09
N ALA A 190 -24.13 10.94 -10.28
CA ALA A 190 -25.28 10.41 -11.04
C ALA A 190 -24.85 9.96 -12.44
N ALA A 191 -24.03 10.76 -13.12
CA ALA A 191 -23.53 10.45 -14.49
C ALA A 191 -22.61 9.23 -14.42
N TYR A 192 -21.73 9.23 -13.43
CA TYR A 192 -20.81 8.09 -13.16
C TYR A 192 -21.59 6.81 -12.91
N ALA A 193 -22.65 6.87 -12.09
CA ALA A 193 -23.44 5.69 -11.72
C ALA A 193 -24.06 5.10 -12.97
N GLY A 194 -24.52 5.96 -13.87
CA GLY A 194 -25.05 5.56 -15.19
C GLY A 194 -24.00 4.83 -16.00
N ASP A 195 -22.81 5.40 -16.09
CA ASP A 195 -21.68 4.80 -16.84
C ASP A 195 -21.29 3.47 -16.19
N TRP A 196 -21.13 3.47 -14.87
CA TRP A 196 -20.70 2.26 -14.11
C TRP A 196 -21.70 1.12 -14.38
N GLN A 197 -22.99 1.42 -14.31
CA GLN A 197 -24.08 0.42 -14.56
C GLN A 197 -23.96 -0.14 -15.99
N ARG A 198 -23.77 0.71 -16.98
CA ARG A 198 -23.68 0.31 -18.41
C ARG A 198 -22.48 -0.65 -18.57
N PHE A 199 -21.36 -0.30 -17.96
CA PHE A 199 -20.13 -1.15 -18.04
C PHE A 199 -20.39 -2.44 -17.27
N PHE A 200 -20.93 -2.36 -16.06
CA PHE A 200 -21.17 -3.53 -15.18
C PHE A 200 -22.00 -4.53 -15.96
N THR A 201 -23.08 -4.03 -16.54
CA THR A 201 -24.08 -4.84 -17.29
C THR A 201 -23.39 -5.54 -18.46
N ALA A 202 -22.62 -4.80 -19.27
CA ALA A 202 -21.95 -5.32 -20.46
C ALA A 202 -20.94 -6.39 -20.06
N ILE A 203 -20.16 -6.14 -19.00
CA ILE A 203 -19.11 -7.12 -18.57
C ILE A 203 -19.80 -8.37 -18.04
N ARG A 204 -20.85 -8.24 -17.23
CA ARG A 204 -21.47 -9.41 -16.58
C ARG A 204 -22.12 -10.29 -17.65
N LYS A 205 -22.50 -9.73 -18.80
CA LYS A 205 -23.06 -10.54 -19.90
C LYS A 205 -21.97 -11.44 -20.47
N ARG A 206 -20.72 -11.00 -20.49
CA ARG A 206 -19.57 -11.78 -20.99
C ARG A 206 -18.93 -12.61 -19.89
N VAL A 207 -19.02 -12.16 -18.64
CA VAL A 207 -18.24 -12.68 -17.48
C VAL A 207 -19.20 -12.71 -16.30
N PRO A 208 -20.08 -13.74 -16.16
CA PRO A 208 -21.13 -13.64 -15.16
C PRO A 208 -20.68 -13.59 -13.70
N ASN A 209 -19.48 -14.09 -13.43
CA ASN A 209 -18.83 -14.16 -12.10
C ASN A 209 -17.82 -13.00 -11.93
N ALA A 210 -17.78 -12.03 -12.86
CA ALA A 210 -16.86 -10.86 -12.77
C ALA A 210 -16.98 -10.21 -11.41
N PRO A 211 -15.86 -10.09 -10.66
CA PRO A 211 -15.81 -9.30 -9.42
C PRO A 211 -15.41 -7.84 -9.70
N PHE A 212 -15.98 -6.92 -8.94
CA PHE A 212 -15.73 -5.46 -9.04
C PHE A 212 -15.34 -4.85 -7.69
N ALA A 213 -14.56 -3.77 -7.77
CA ALA A 213 -14.29 -2.85 -6.68
C ALA A 213 -14.43 -1.43 -7.23
N GLY A 214 -14.75 -0.49 -6.37
CA GLY A 214 -14.84 0.93 -6.75
C GLY A 214 -15.03 1.76 -5.49
N PRO A 215 -15.09 3.10 -5.61
CA PRO A 215 -15.01 3.78 -6.90
C PRO A 215 -13.59 4.19 -7.34
N ASP A 216 -12.56 3.77 -6.58
CA ASP A 216 -11.14 3.96 -6.96
C ASP A 216 -10.82 5.45 -6.92
N THR A 217 -11.10 6.08 -5.79
CA THR A 217 -10.64 7.47 -5.54
C THR A 217 -10.63 7.73 -4.04
N ALA A 218 -10.25 8.94 -3.62
CA ALA A 218 -10.24 9.37 -2.20
C ALA A 218 -11.65 9.35 -1.63
N TYR A 219 -11.81 9.07 -0.32
CA TYR A 219 -13.10 9.19 0.40
C TYR A 219 -13.58 10.63 0.19
N ASN A 220 -14.86 10.74 -0.16
CA ASN A 220 -15.59 12.03 -0.22
C ASN A 220 -17.06 11.67 -0.25
N THR A 221 -17.90 12.65 0.03
CA THR A 221 -19.33 12.41 0.31
C THR A 221 -20.05 12.45 -1.03
N LYS A 222 -19.48 13.16 -2.02
CA LYS A 222 -20.19 13.36 -3.30
C LYS A 222 -20.04 12.11 -4.20
N TRP A 223 -19.07 11.22 -3.92
CA TRP A 223 -18.82 10.07 -4.82
C TRP A 223 -18.75 8.76 -4.05
N LEU A 224 -17.93 8.68 -3.02
CA LEU A 224 -17.61 7.35 -2.46
C LEU A 224 -18.80 6.83 -1.63
N VAL A 225 -19.41 7.70 -0.84
CA VAL A 225 -20.62 7.35 -0.02
C VAL A 225 -21.79 6.93 -0.92
N PRO A 226 -22.20 7.73 -1.93
CA PRO A 226 -23.28 7.32 -2.84
C PRO A 226 -22.96 6.03 -3.64
N PHE A 227 -21.69 5.86 -4.00
CA PHE A 227 -21.24 4.67 -4.76
C PHE A 227 -21.54 3.45 -3.91
N ALA A 228 -21.13 3.49 -2.64
CA ALA A 228 -21.22 2.33 -1.73
C ALA A 228 -22.70 1.99 -1.55
N ASP A 229 -23.51 3.03 -1.40
CA ASP A 229 -24.98 2.91 -1.17
C ASP A 229 -25.62 2.22 -2.38
N LYS A 230 -25.42 2.78 -3.57
CA LYS A 230 -26.03 2.30 -4.82
C LYS A 230 -25.49 0.92 -5.21
N PHE A 231 -24.18 0.63 -5.07
CA PHE A 231 -23.58 -0.57 -5.69
C PHE A 231 -23.08 -1.62 -4.69
N LYS A 232 -23.43 -1.53 -3.42
CA LYS A 232 -22.97 -2.47 -2.38
C LYS A 232 -23.21 -3.92 -2.79
N HIS A 233 -24.29 -4.26 -3.53
CA HIS A 233 -24.58 -5.67 -3.94
C HIS A 233 -23.76 -6.07 -5.18
N ASP A 234 -23.07 -5.14 -5.83
CA ASP A 234 -22.37 -5.39 -7.10
C ASP A 234 -20.84 -5.38 -6.96
N VAL A 235 -20.32 -5.05 -5.79
CA VAL A 235 -18.85 -4.92 -5.56
C VAL A 235 -18.45 -5.81 -4.38
N LYS A 236 -17.19 -6.25 -4.39
CA LYS A 236 -16.61 -7.05 -3.29
C LYS A 236 -16.13 -6.12 -2.18
N PHE A 237 -15.63 -4.93 -2.53
CA PHE A 237 -15.03 -4.01 -1.55
C PHE A 237 -14.93 -2.62 -2.17
N ILE A 238 -14.74 -1.67 -1.29
CA ILE A 238 -14.52 -0.24 -1.63
C ILE A 238 -13.01 -0.02 -1.82
N SER A 239 -12.68 0.70 -2.89
CA SER A 239 -11.30 1.07 -3.27
C SER A 239 -11.20 2.58 -3.08
N SER A 240 -10.28 3.02 -2.23
CA SER A 240 -10.02 4.45 -1.96
C SER A 240 -8.55 4.75 -2.29
N HIS A 241 -8.24 6.02 -2.46
CA HIS A 241 -6.84 6.48 -2.67
C HIS A 241 -6.48 7.47 -1.57
N TYR A 242 -5.19 7.66 -1.38
CA TYR A 242 -4.66 8.58 -0.34
C TYR A 242 -3.27 9.04 -0.72
N TYR A 243 -3.07 10.36 -0.76
CA TYR A 243 -1.74 11.00 -0.91
C TYR A 243 -1.55 11.91 0.30
N ALA A 244 -0.43 11.78 1.02
CA ALA A 244 -0.11 12.63 2.20
C ALA A 244 -0.10 14.09 1.77
N GLU A 245 0.43 14.39 0.59
CA GLU A 245 0.31 15.75 0.02
C GLU A 245 -1.18 16.07 -0.15
N GLY A 246 -1.56 17.31 0.15
CA GLY A 246 -2.91 17.81 -0.14
C GLY A 246 -3.00 18.44 -1.53
N PRO A 247 -4.02 19.31 -1.77
CA PRO A 247 -4.13 20.05 -3.03
C PRO A 247 -3.02 21.10 -3.22
N ASP A 250 -3.82 22.73 1.69
CA ASP A 250 -2.71 22.36 2.61
C ASP A 250 -1.39 22.98 2.13
N PRO A 251 -0.42 23.20 3.05
CA PRO A 251 0.91 23.71 2.67
C PRO A 251 1.81 22.70 1.94
N SER A 252 2.89 23.18 1.35
CA SER A 252 3.87 22.36 0.57
C SER A 252 4.39 21.21 1.46
N MET A 253 4.61 20.03 0.84
CA MET A 253 5.02 18.80 1.53
C MET A 253 6.53 18.84 1.74
N THR A 254 6.91 18.66 2.99
CA THR A 254 8.29 18.62 3.50
C THR A 254 8.42 17.32 4.28
N ILE A 255 9.64 16.92 4.58
CA ILE A 255 9.88 15.71 5.41
C ILE A 255 9.24 15.96 6.78
N GLU A 256 9.37 17.19 7.29
CA GLU A 256 8.84 17.58 8.61
C GLU A 256 7.32 17.28 8.64
N ARG A 257 6.60 17.80 7.64
CA ARG A 257 5.14 17.64 7.42
C ARG A 257 4.81 16.15 7.30
N LEU A 258 5.61 15.38 6.54
CA LEU A 258 5.31 13.97 6.19
C LEU A 258 5.37 13.10 7.44
N MET A 259 6.14 13.49 8.45
CA MET A 259 6.31 12.70 9.71
C MET A 259 5.17 12.98 10.70
N LYS A 260 4.43 14.08 10.52
CA LYS A 260 3.34 14.45 11.45
C LYS A 260 2.06 13.72 11.06
N PRO A 261 1.11 13.54 12.02
CA PRO A 261 -0.25 13.09 11.69
C PRO A 261 -0.88 13.90 10.56
N ASN A 262 -1.77 13.25 9.83
CA ASN A 262 -2.52 13.89 8.72
C ASN A 262 -4.00 13.87 9.10
N PRO A 263 -4.62 15.01 9.53
CA PRO A 263 -6.01 14.99 9.96
C PRO A 263 -6.94 14.55 8.82
N ARG A 264 -6.56 14.88 7.57
CA ARG A 264 -7.32 14.45 6.37
C ARG A 264 -7.32 12.91 6.31
N LEU A 265 -6.17 12.28 6.54
CA LEU A 265 -6.07 10.79 6.53
C LEU A 265 -7.00 10.22 7.60
N LEU A 266 -6.94 10.78 8.80
CA LEU A 266 -7.79 10.24 9.92
C LEU A 266 -9.27 10.38 9.55
N GLY A 267 -9.65 11.52 8.97
CA GLY A 267 -11.01 11.80 8.48
C GLY A 267 -11.47 10.75 7.47
N GLU A 268 -10.67 10.58 6.42
CA GLU A 268 -10.96 9.69 5.27
C GLU A 268 -11.07 8.26 5.76
N THR A 269 -10.21 7.84 6.67
CA THR A 269 -10.22 6.48 7.23
C THR A 269 -11.51 6.24 8.03
N ALA A 270 -11.94 7.24 8.82
CA ALA A 270 -13.20 7.22 9.60
C ALA A 270 -14.40 7.13 8.63
N GLY A 271 -14.35 7.88 7.54
CA GLY A 271 -15.36 7.81 6.48
C GLY A 271 -15.52 6.38 5.99
N LEU A 272 -14.40 5.71 5.68
CA LEU A 272 -14.39 4.36 5.09
C LEU A 272 -14.88 3.36 6.13
N LYS A 273 -14.62 3.61 7.42
CA LYS A 273 -15.08 2.69 8.49
C LYS A 273 -16.60 2.86 8.59
N GLN A 274 -17.11 4.09 8.47
CA GLN A 274 -18.59 4.32 8.49
C GLN A 274 -19.27 3.61 7.31
N VAL A 275 -18.69 3.72 6.11
CA VAL A 275 -19.22 3.01 4.90
C VAL A 275 -19.20 1.51 5.17
N GLU A 276 -18.14 0.98 5.77
CA GLU A 276 -18.10 -0.46 6.11
C GLU A 276 -19.23 -0.80 7.13
N ALA A 277 -19.46 0.03 8.13
CA ALA A 277 -20.53 -0.18 9.14
C ALA A 277 -21.89 -0.13 8.44
N ASP A 278 -22.12 0.89 7.61
CA ASP A 278 -23.44 1.16 6.98
C ASP A 278 -23.77 0.16 5.86
N THR A 279 -22.79 -0.43 5.16
CA THR A 279 -23.00 -1.27 3.93
C THR A 279 -22.44 -2.70 4.07
N GLY A 280 -21.59 -2.98 5.07
CA GLY A 280 -20.84 -4.24 5.17
C GLY A 280 -19.63 -4.32 4.24
N LEU A 281 -19.36 -3.31 3.41
CA LEU A 281 -18.23 -3.39 2.42
C LEU A 281 -16.91 -3.07 3.12
N PRO A 282 -15.95 -4.01 3.09
CA PRO A 282 -14.59 -3.71 3.52
C PRO A 282 -13.96 -2.67 2.58
N PHE A 283 -12.81 -2.12 2.94
CA PHE A 283 -12.12 -1.12 2.10
C PHE A 283 -10.64 -1.50 1.92
N ARG A 284 -10.09 -1.15 0.76
CA ARG A 284 -8.66 -1.33 0.43
C ARG A 284 -8.16 0.00 -0.13
N LEU A 285 -6.95 0.39 0.26
CA LEU A 285 -6.29 1.61 -0.22
C LEU A 285 -5.51 1.25 -1.50
N THR A 286 -6.17 1.35 -2.65
CA THR A 286 -5.71 0.80 -3.94
C THR A 286 -4.72 1.71 -4.68
N GLU A 287 -4.52 2.93 -4.23
CA GLU A 287 -3.47 3.83 -4.79
C GLU A 287 -3.06 4.81 -3.71
N THR A 288 -1.79 4.75 -3.31
CA THR A 288 -1.26 5.67 -2.28
C THR A 288 0.21 5.97 -2.55
N ASN A 289 0.61 7.21 -2.25
CA ASN A 289 2.02 7.49 -2.00
C ASN A 289 2.13 8.85 -1.31
N SER A 290 3.36 9.33 -1.13
CA SER A 290 3.68 10.52 -0.29
C SER A 290 3.16 11.79 -0.95
N CYS A 291 3.42 11.97 -2.24
CA CYS A 291 3.14 13.21 -2.99
C CYS A 291 2.65 12.85 -4.38
N TYR A 292 1.78 13.69 -4.96
CA TYR A 292 1.22 13.52 -6.33
C TYR A 292 2.25 13.72 -7.44
N GLN A 293 1.87 13.32 -8.66
CA GLN A 293 2.59 13.59 -9.93
C GLN A 293 3.94 12.91 -9.88
N GLY A 294 3.97 11.66 -9.43
CA GLY A 294 5.19 10.83 -9.38
C GLY A 294 6.06 11.15 -8.18
N GLY A 295 5.65 12.10 -7.33
CA GLY A 295 6.34 12.40 -6.06
C GLY A 295 7.19 13.68 -6.11
N LYS A 296 7.74 14.06 -4.96
CA LYS A 296 8.53 15.30 -4.77
C LYS A 296 10.00 14.92 -4.47
N GLN A 297 10.91 15.29 -5.37
CA GLN A 297 12.35 15.14 -5.16
C GLN A 297 12.70 15.78 -3.82
N GLY A 298 13.38 15.00 -2.96
CA GLY A 298 13.87 15.45 -1.65
C GLY A 298 12.89 15.14 -0.53
N VAL A 299 11.74 14.55 -0.87
CA VAL A 299 10.74 14.06 0.12
C VAL A 299 10.43 12.60 -0.18
N SER A 300 9.86 12.34 -1.35
CA SER A 300 9.31 11.01 -1.72
C SER A 300 10.41 9.96 -1.86
N ASP A 301 11.59 10.40 -2.34
CA ASP A 301 12.74 9.55 -2.71
C ASP A 301 13.72 9.41 -1.53
N THR A 302 13.28 9.69 -0.30
CA THR A 302 14.21 9.77 0.86
C THR A 302 13.88 8.71 1.91
N PHE A 303 14.83 8.45 2.80
CA PHE A 303 14.61 7.52 3.94
C PHE A 303 13.34 7.89 4.71
N ALA A 304 13.01 9.17 4.85
CA ALA A 304 11.75 9.64 5.49
C ALA A 304 10.52 8.88 4.93
N ALA A 305 10.52 8.60 3.64
CA ALA A 305 9.43 7.90 2.92
C ALA A 305 9.29 6.48 3.48
N ALA A 306 10.39 5.80 3.84
CA ALA A 306 10.34 4.44 4.43
C ALA A 306 9.62 4.50 5.77
N LEU A 307 9.92 5.52 6.59
CA LEU A 307 9.25 5.65 7.92
C LEU A 307 7.78 5.97 7.68
N TRP A 308 7.48 6.88 6.78
CA TRP A 308 6.09 7.26 6.46
C TRP A 308 5.35 6.03 5.94
N ALA A 309 5.91 5.28 5.00
CA ALA A 309 5.19 4.17 4.33
C ALA A 309 4.96 3.04 5.33
N GLY A 310 5.98 2.66 6.12
CA GLY A 310 5.81 1.58 7.10
C GLY A 310 4.75 1.93 8.11
N ASP A 311 4.80 3.17 8.59
CA ASP A 311 3.86 3.66 9.64
C ASP A 311 2.46 3.66 9.05
N LEU A 312 2.32 4.13 7.80
CA LEU A 312 1.00 4.19 7.11
C LEU A 312 0.39 2.77 7.04
N MET A 313 1.21 1.79 6.68
CA MET A 313 0.73 0.39 6.52
C MET A 313 0.05 -0.04 7.82
N TYR A 314 0.67 0.26 8.96
CA TYR A 314 0.17 -0.13 10.32
C TYR A 314 -1.03 0.73 10.72
N GLN A 315 -0.97 2.03 10.48
CA GLN A 315 -2.08 2.96 10.86
C GLN A 315 -3.38 2.54 10.13
N GLN A 316 -3.28 2.16 8.85
CA GLN A 316 -4.44 1.73 8.04
C GLN A 316 -4.87 0.32 8.48
N ALA A 317 -3.94 -0.57 8.78
CA ALA A 317 -4.26 -1.94 9.22
C ALA A 317 -4.96 -1.86 10.58
N ALA A 318 -4.56 -0.92 11.45
CA ALA A 318 -5.16 -0.73 12.79
C ALA A 318 -6.57 -0.13 12.69
N ALA A 319 -6.89 0.51 11.55
CA ALA A 319 -8.22 1.08 11.23
C ALA A 319 -9.11 0.04 10.55
N GLY A 320 -8.58 -1.14 10.24
CA GLY A 320 -9.37 -2.25 9.66
C GLY A 320 -9.30 -2.24 8.14
N SER A 321 -8.33 -1.55 7.53
CA SER A 321 -8.12 -1.64 6.06
C SER A 321 -7.79 -3.09 5.70
N THR A 322 -8.30 -3.58 4.57
CA THR A 322 -7.96 -4.94 4.08
C THR A 322 -6.60 -4.92 3.38
N GLY A 323 -6.07 -3.74 3.08
CA GLY A 323 -4.79 -3.71 2.34
C GLY A 323 -4.44 -2.36 1.73
N ILE A 324 -3.29 -2.36 1.07
CA ILE A 324 -2.62 -1.13 0.55
C ILE A 324 -1.98 -1.45 -0.79
N ASN A 325 -1.82 -0.43 -1.63
CA ASN A 325 -1.12 -0.53 -2.94
C ASN A 325 -0.35 0.77 -3.15
N PHE A 326 0.96 0.77 -2.90
CA PHE A 326 1.76 1.99 -3.11
C PHE A 326 1.99 2.15 -4.62
N HIS A 327 1.68 3.32 -5.15
CA HIS A 327 1.84 3.59 -6.59
C HIS A 327 3.32 3.74 -6.94
N GLY A 328 3.66 3.34 -8.14
CA GLY A 328 5.06 3.32 -8.58
C GLY A 328 5.22 2.93 -10.02
N GLY A 329 6.49 2.70 -10.42
CA GLY A 329 6.91 2.45 -11.81
C GLY A 329 7.95 3.43 -12.30
N GLY A 330 8.69 2.97 -13.32
CA GLY A 330 9.84 3.64 -13.91
C GLY A 330 10.81 4.06 -12.83
N TYR A 331 11.17 5.34 -12.80
CA TYR A 331 12.14 5.91 -11.83
C TYR A 331 11.45 7.02 -11.06
N GLY A 332 10.13 6.97 -10.91
CA GLY A 332 9.42 8.08 -10.26
C GLY A 332 10.00 8.29 -8.88
N TRP A 333 9.92 9.51 -8.37
CA TRP A 333 10.46 9.86 -7.04
C TRP A 333 9.91 8.96 -5.93
N TYR A 334 8.65 8.53 -6.02
CA TYR A 334 7.98 7.83 -4.90
C TYR A 334 7.97 6.30 -5.11
N THR A 335 8.53 5.77 -6.20
CA THR A 335 8.34 4.34 -6.54
C THR A 335 9.06 3.46 -5.52
N PRO A 336 8.40 2.46 -4.91
CA PRO A 336 9.07 1.49 -4.06
C PRO A 336 10.22 0.77 -4.79
N VAL A 337 9.93 0.30 -5.99
CA VAL A 337 10.90 -0.41 -6.85
C VAL A 337 11.12 0.45 -8.10
N ALA A 338 12.37 0.76 -8.40
CA ALA A 338 12.78 1.54 -9.58
C ALA A 338 13.41 0.61 -10.61
N GLY A 339 13.28 0.92 -11.91
CA GLY A 339 14.09 0.22 -12.92
C GLY A 339 13.29 -0.26 -14.12
N THR A 340 13.93 -1.07 -14.95
CA THR A 340 13.35 -1.61 -16.21
C THR A 340 13.93 -3.00 -16.42
N PRO A 341 13.28 -3.87 -17.24
CA PRO A 341 13.85 -5.19 -17.54
C PRO A 341 15.25 -5.11 -18.21
N GLU A 342 15.52 -4.09 -19.02
CA GLU A 342 16.81 -3.91 -19.75
C GLU A 342 17.93 -3.52 -18.77
N ASP A 343 17.66 -2.61 -17.83
CA ASP A 343 18.71 -1.98 -16.98
C ASP A 343 18.70 -2.58 -15.59
N GLY A 344 17.59 -3.23 -15.23
CA GLY A 344 17.44 -3.88 -13.92
C GLY A 344 16.69 -3.02 -12.93
N PHE A 345 16.40 -3.62 -11.79
CA PHE A 345 15.51 -3.06 -10.75
C PHE A 345 16.25 -2.93 -9.42
N ILE A 346 15.90 -1.88 -8.68
CA ILE A 346 16.46 -1.60 -7.33
C ILE A 346 15.32 -1.24 -6.35
N ALA A 347 15.51 -1.56 -5.09
CA ALA A 347 14.67 -1.08 -3.97
C ALA A 347 15.04 0.36 -3.67
N ARG A 348 14.05 1.25 -3.71
CA ARG A 348 14.16 2.68 -3.29
C ARG A 348 13.91 2.73 -1.80
N PRO A 349 14.20 3.86 -1.13
CA PRO A 349 14.05 3.93 0.32
C PRO A 349 12.65 3.51 0.83
N GLU A 350 11.57 3.92 0.15
CA GLU A 350 10.19 3.58 0.59
C GLU A 350 10.08 2.05 0.71
N TYR A 351 10.70 1.28 -0.18
CA TYR A 351 10.63 -0.19 -0.17
C TYR A 351 10.96 -0.71 1.24
N TYR A 352 11.95 -0.12 1.91
CA TYR A 352 12.45 -0.63 3.21
C TYR A 352 11.36 -0.51 4.27
N GLY A 353 10.50 0.50 4.22
CA GLY A 353 9.36 0.57 5.16
C GLY A 353 8.40 -0.59 4.95
N MET A 354 8.15 -0.93 3.69
CA MET A 354 7.30 -2.08 3.29
C MET A 354 7.98 -3.40 3.70
N LEU A 355 9.30 -3.43 3.65
CA LEU A 355 10.11 -4.62 3.99
C LEU A 355 10.01 -4.94 5.47
N LEU A 356 9.98 -3.91 6.31
CA LEU A 356 9.82 -4.04 7.78
C LEU A 356 8.46 -4.69 8.05
N PHE A 357 7.39 -4.18 7.43
CA PHE A 357 6.04 -4.78 7.49
C PHE A 357 6.12 -6.24 7.03
N ALA A 358 6.85 -6.52 5.94
CA ALA A 358 6.93 -7.89 5.36
C ALA A 358 7.50 -8.82 6.43
N GLN A 359 8.53 -8.37 7.12
CA GLN A 359 9.26 -9.19 8.11
C GLN A 359 8.47 -9.33 9.41
N ALA A 360 7.67 -8.34 9.79
CA ALA A 360 6.74 -8.45 10.92
C ALA A 360 5.79 -9.62 10.63
N GLY A 361 5.26 -9.67 9.40
CA GLY A 361 4.27 -10.66 8.95
C GLY A 361 2.88 -10.30 9.42
N ALA A 362 1.95 -11.23 9.19
CA ALA A 362 0.50 -11.11 9.49
C ALA A 362 0.22 -11.46 10.96
N GLY A 363 -1.01 -11.23 11.40
CA GLY A 363 -1.45 -11.55 12.76
C GLY A 363 -2.40 -10.51 13.29
N GLN A 364 -2.61 -10.50 14.60
CA GLN A 364 -3.57 -9.57 15.22
C GLN A 364 -2.85 -8.48 16.02
N LEU A 365 -3.28 -7.24 15.78
CA LEU A 365 -2.75 -6.02 16.43
C LEU A 365 -3.27 -5.96 17.86
N LEU A 366 -2.39 -5.59 18.79
CA LEU A 366 -2.71 -5.45 20.23
C LEU A 366 -2.61 -3.99 20.61
N GLY A 367 -3.13 -3.62 21.78
CA GLY A 367 -2.90 -2.30 22.38
C GLY A 367 -1.40 -2.08 22.56
N ALA A 368 -0.93 -0.89 22.24
CA ALA A 368 0.46 -0.45 22.45
C ALA A 368 0.40 1.03 22.79
N LYS A 369 0.21 1.35 24.08
CA LYS A 369 -0.09 2.72 24.52
C LYS A 369 1.21 3.42 24.92
N LEU A 370 1.38 4.65 24.44
CA LEU A 370 2.63 5.42 24.64
C LEU A 370 2.36 6.49 25.69
N THR A 371 3.25 6.61 26.67
CA THR A 371 3.13 7.60 27.77
C THR A 371 4.42 8.40 27.85
N ASP A 372 4.36 9.62 28.43
CA ASP A 372 5.54 10.47 28.72
C ASP A 372 6.22 10.86 27.40
N ASN A 373 5.41 10.94 26.34
CA ASN A 373 5.88 11.02 24.94
C ASN A 373 5.55 12.41 24.38
N SER A 374 5.24 13.39 25.21
CA SER A 374 4.84 14.73 24.73
C SER A 374 6.00 15.42 24.01
N ALA A 375 7.25 15.16 24.44
CA ALA A 375 8.48 15.78 23.90
C ALA A 375 9.01 14.96 22.71
N ALA A 376 8.31 13.88 22.32
CA ALA A 376 8.74 12.93 21.27
C ALA A 376 7.51 12.45 20.53
N PRO A 377 6.61 13.37 20.14
CA PRO A 377 5.25 13.00 19.79
C PRO A 377 5.08 12.24 18.46
N LEU A 378 6.11 12.19 17.61
CA LEU A 378 5.98 11.52 16.28
C LEU A 378 6.50 10.09 16.35
N LEU A 379 6.84 9.57 17.54
CA LEU A 379 7.10 8.12 17.72
C LEU A 379 5.74 7.38 17.67
N THR A 380 5.62 6.38 16.79
CA THR A 380 4.43 5.49 16.69
C THR A 380 4.90 4.08 17.02
N ALA A 381 3.98 3.24 17.50
CA ALA A 381 4.28 1.84 17.86
C ALA A 381 3.05 0.96 17.64
N TYR A 382 3.27 -0.25 17.18
CA TYR A 382 2.21 -1.22 16.84
C TYR A 382 2.67 -2.53 17.40
N ALA A 383 1.85 -3.18 18.21
CA ALA A 383 2.16 -4.52 18.73
C ALA A 383 1.29 -5.53 17.98
N LEU A 384 1.84 -6.71 17.74
CA LEU A 384 1.27 -7.73 16.84
C LEU A 384 1.49 -9.10 17.48
N ARG A 385 0.42 -9.85 17.66
CA ARG A 385 0.49 -11.31 17.94
C ARG A 385 0.55 -11.98 16.57
N GLY A 386 1.72 -12.47 16.21
CA GLY A 386 1.98 -13.08 14.90
C GLY A 386 1.25 -14.39 14.73
N THR A 387 1.08 -14.81 13.48
CA THR A 387 0.40 -16.09 13.13
C THR A 387 1.16 -17.24 13.81
N ASP A 388 2.49 -17.15 13.93
CA ASP A 388 3.34 -18.16 14.62
C ASP A 388 3.26 -18.01 16.14
N GLY A 389 2.40 -17.12 16.67
CA GLY A 389 2.16 -16.94 18.12
C GLY A 389 3.22 -16.11 18.84
N ARG A 390 4.25 -15.62 18.15
CA ARG A 390 5.26 -14.70 18.76
C ARG A 390 4.73 -13.26 18.76
N THR A 391 5.12 -12.47 19.76
CA THR A 391 4.80 -11.02 19.83
C THR A 391 5.84 -10.25 19.01
N ARG A 392 5.39 -9.22 18.29
CA ARG A 392 6.29 -8.33 17.51
C ARG A 392 5.86 -6.91 17.81
N ILE A 393 6.80 -5.97 17.77
CA ILE A 393 6.47 -4.52 17.87
C ILE A 393 7.17 -3.80 16.72
N ALA A 394 6.40 -2.98 16.02
CA ALA A 394 6.88 -2.11 14.93
C ALA A 394 6.91 -0.70 15.49
N LEU A 395 8.09 -0.10 15.59
CA LEU A 395 8.22 1.27 16.14
C LEU A 395 8.75 2.15 15.02
N PHE A 396 8.16 3.33 14.89
CA PHE A 396 8.60 4.34 13.91
C PHE A 396 8.95 5.58 14.69
N ASN A 397 10.25 5.82 14.89
CA ASN A 397 10.65 7.09 15.55
C ASN A 397 10.77 8.16 14.47
N LYS A 398 9.66 8.84 14.17
N LYS A 398 9.66 8.83 14.17
CA LYS A 398 9.58 9.84 13.09
CA LYS A 398 9.55 9.84 13.09
C LYS A 398 9.92 11.24 13.63
C LYS A 398 9.94 11.23 13.62
N ASN A 399 10.29 11.35 14.91
CA ASN A 399 10.81 12.63 15.45
C ASN A 399 12.14 12.87 14.75
N LEU A 400 12.32 14.00 14.07
CA LEU A 400 13.55 14.24 13.28
C LEU A 400 14.68 14.74 14.20
N ASP A 401 14.36 15.16 15.42
CA ASP A 401 15.42 15.74 16.28
C ASP A 401 15.58 14.94 17.59
N ALA A 402 14.58 14.15 18.00
CA ALA A 402 14.60 13.47 19.32
C ALA A 402 14.87 11.97 19.21
N ASP A 403 15.89 11.54 19.94
CA ASP A 403 16.19 10.12 20.21
C ASP A 403 15.22 9.69 21.31
N VAL A 404 14.86 8.40 21.38
CA VAL A 404 13.90 7.94 22.42
C VAL A 404 14.52 6.77 23.16
N GLU A 405 14.16 6.63 24.44
CA GLU A 405 14.39 5.41 25.24
C GLU A 405 13.01 4.86 25.56
N VAL A 406 12.70 3.67 25.02
CA VAL A 406 11.35 3.07 25.14
C VAL A 406 11.41 1.95 26.18
N ALA A 407 10.73 2.20 27.31
CA ALA A 407 10.52 1.25 28.43
C ALA A 407 9.29 0.42 28.07
N ILE A 408 9.51 -0.82 27.65
CA ILE A 408 8.43 -1.73 27.18
C ILE A 408 8.06 -2.69 28.30
N SER A 409 6.78 -2.67 28.69
CA SER A 409 6.13 -3.62 29.63
C SER A 409 4.96 -4.30 28.92
N GLY A 410 4.52 -5.42 29.48
CA GLY A 410 3.31 -6.15 29.05
C GLY A 410 3.70 -7.35 28.22
N VAL A 411 5.00 -7.51 27.96
CA VAL A 411 5.60 -8.68 27.24
C VAL A 411 6.28 -9.60 28.27
N ALA A 412 5.63 -10.71 28.58
CA ALA A 412 6.07 -11.72 29.58
C ALA A 412 7.03 -12.74 28.95
N SER A 413 7.49 -12.52 27.71
CA SER A 413 8.50 -13.36 27.01
C SER A 413 9.86 -13.18 27.67
N PRO A 414 10.80 -14.17 27.59
CA PRO A 414 12.10 -14.04 28.23
C PRO A 414 12.93 -12.90 27.63
N SER A 415 12.96 -12.85 26.30
CA SER A 415 13.95 -12.10 25.49
C SER A 415 13.33 -11.61 24.18
N GLY A 416 14.03 -10.68 23.52
CA GLY A 416 13.66 -10.13 22.21
C GLY A 416 14.90 -9.68 21.45
N THR A 417 14.80 -9.69 20.12
CA THR A 417 15.81 -9.18 19.17
C THR A 417 15.19 -8.02 18.39
N VAL A 418 16.01 -7.08 17.95
CA VAL A 418 15.58 -5.89 17.17
C VAL A 418 16.29 -5.90 15.80
N LEU A 419 15.53 -5.61 14.74
CA LEU A 419 16.09 -5.25 13.42
C LEU A 419 15.81 -3.78 13.22
N ARG A 420 16.84 -3.02 12.87
CA ARG A 420 16.72 -1.56 12.77
C ARG A 420 16.54 -1.16 11.30
N LEU A 421 15.74 -0.13 11.12
CA LEU A 421 15.48 0.49 9.81
C LEU A 421 16.16 1.84 9.88
N GLU A 422 17.23 2.03 9.10
CA GLU A 422 18.18 3.12 9.38
C GLU A 422 18.64 3.78 8.08
N ALA A 423 18.90 5.08 8.18
CA ALA A 423 19.76 5.82 7.25
C ALA A 423 20.46 6.92 8.06
N PRO A 424 21.62 7.40 7.59
CA PRO A 424 22.36 8.44 8.32
C PRO A 424 21.73 9.84 8.34
N ARG A 425 20.85 10.15 7.39
CA ARG A 425 20.02 11.38 7.50
C ARG A 425 18.61 11.07 6.96
N ALA A 426 17.63 11.84 7.40
CA ALA A 426 16.21 11.60 7.07
C ALA A 426 15.99 11.85 5.58
N ASP A 427 16.82 12.70 4.95
CA ASP A 427 16.68 13.12 3.53
C ASP A 427 17.65 12.32 2.65
N ASP A 428 18.22 11.22 3.16
CA ASP A 428 19.13 10.38 2.35
C ASP A 428 18.29 9.70 1.26
N THR A 429 18.82 9.67 0.03
CA THR A 429 18.20 9.00 -1.15
C THR A 429 18.73 7.58 -1.27
N THR A 430 19.74 7.27 -0.44
CA THR A 430 20.41 5.97 -0.41
C THR A 430 20.89 5.69 1.02
N ASP A 431 21.80 4.74 1.18
CA ASP A 431 22.39 4.38 2.50
C ASP A 431 21.31 3.85 3.44
N VAL A 432 20.24 3.26 2.90
CA VAL A 432 19.13 2.75 3.72
C VAL A 432 19.39 1.28 3.94
N THR A 433 19.25 0.81 5.18
CA THR A 433 19.43 -0.62 5.50
C THR A 433 18.30 -1.04 6.44
N PHE A 434 18.01 -2.34 6.45
CA PHE A 434 17.09 -2.98 7.41
C PHE A 434 17.79 -4.23 7.94
N GLY A 435 17.93 -4.38 9.25
CA GLY A 435 18.64 -5.55 9.80
C GLY A 435 20.12 -5.51 9.43
N GLY A 436 20.65 -4.31 9.25
CA GLY A 436 22.07 -4.08 8.91
C GLY A 436 22.43 -4.53 7.51
N ALA A 437 21.45 -4.60 6.59
CA ALA A 437 21.71 -5.02 5.20
C ALA A 437 20.85 -4.20 4.23
N PRO A 438 21.44 -3.82 3.08
CA PRO A 438 20.65 -3.36 1.95
C PRO A 438 19.94 -4.55 1.29
N VAL A 439 18.85 -4.26 0.56
CA VAL A 439 18.18 -5.20 -0.37
C VAL A 439 19.06 -5.29 -1.60
N GLY A 440 19.26 -6.50 -2.12
CA GLY A 440 20.16 -6.73 -3.26
C GLY A 440 19.41 -6.83 -4.58
N ALA A 441 19.97 -7.56 -5.52
CA ALA A 441 19.32 -7.80 -6.82
C ALA A 441 18.07 -8.65 -6.58
N SER A 442 16.99 -8.40 -7.31
CA SER A 442 15.82 -9.30 -7.38
C SER A 442 15.17 -9.43 -6.00
N GLY A 443 15.25 -8.38 -5.18
CA GLY A 443 14.60 -8.34 -3.86
C GLY A 443 15.31 -9.22 -2.83
N SER A 444 16.53 -9.70 -3.14
CA SER A 444 17.40 -10.49 -2.23
C SER A 444 17.59 -9.71 -0.92
N TRP A 445 17.14 -10.25 0.20
CA TRP A 445 17.41 -9.63 1.53
C TRP A 445 17.45 -10.69 2.61
N SER A 446 18.42 -10.56 3.53
CA SER A 446 18.36 -11.23 4.85
C SER A 446 19.13 -10.39 5.87
N PRO A 447 18.78 -10.51 7.17
CA PRO A 447 19.34 -9.65 8.21
C PRO A 447 20.82 -10.03 8.44
N LEU A 448 21.66 -9.03 8.69
CA LEU A 448 23.11 -9.28 8.95
C LEU A 448 23.48 -8.79 10.36
N VAL A 449 22.63 -7.98 10.98
CA VAL A 449 22.81 -7.43 12.36
C VAL A 449 21.49 -7.61 13.12
N GLN A 450 21.42 -8.68 13.92
CA GLN A 450 20.39 -8.86 14.95
C GLN A 450 21.05 -8.54 16.29
N GLU A 451 20.33 -7.81 17.13
CA GLU A 451 20.84 -7.13 18.33
C GLU A 451 19.86 -7.49 19.46
N TYR A 452 20.34 -8.17 20.49
CA TYR A 452 19.47 -8.63 21.62
C TYR A 452 18.95 -7.41 22.34
N VAL A 453 17.73 -7.50 22.87
CA VAL A 453 17.08 -6.31 23.48
C VAL A 453 17.37 -6.31 24.98
N PRO A 454 17.96 -5.22 25.49
CA PRO A 454 18.17 -5.02 26.93
C PRO A 454 16.93 -5.35 27.77
N GLY A 455 16.85 -6.58 28.28
CA GLY A 455 15.65 -7.06 29.01
C GLY A 455 15.99 -7.54 30.40
N HIS A 456 15.14 -7.22 31.39
CA HIS A 456 15.36 -7.54 32.83
C HIS A 456 14.11 -7.27 33.67
N SER A 457 13.50 -8.33 34.23
CA SER A 457 12.32 -8.35 35.14
C SER A 457 11.01 -7.99 34.39
N GLY A 458 10.84 -8.51 33.16
CA GLY A 458 9.61 -8.39 32.35
C GLY A 458 9.41 -6.98 31.78
N GLN A 459 10.46 -6.16 31.85
CA GLN A 459 10.51 -4.82 31.23
C GLN A 459 11.67 -4.84 30.25
N PHE A 460 11.50 -4.22 29.10
CA PHE A 460 12.58 -4.14 28.06
C PHE A 460 12.82 -2.66 27.83
N VAL A 461 14.05 -2.31 27.48
CA VAL A 461 14.40 -0.90 27.17
C VAL A 461 15.04 -0.89 25.77
N LEU A 462 14.42 -0.13 24.86
CA LEU A 462 14.88 -0.02 23.45
C LEU A 462 15.25 1.41 23.20
N HIS A 463 16.50 1.64 22.79
CA HIS A 463 16.98 2.97 22.32
C HIS A 463 16.69 3.06 20.81
N MET A 464 16.18 4.21 20.37
CA MET A 464 16.05 4.51 18.91
C MET A 464 16.62 5.90 18.64
N ARG A 465 17.46 5.99 17.60
CA ARG A 465 17.94 7.27 17.03
C ARG A 465 16.74 8.06 16.49
N LYS A 466 16.84 9.38 16.51
CA LYS A 466 15.91 10.26 15.76
C LYS A 466 15.80 9.69 14.34
N ALA A 467 14.63 9.82 13.70
CA ALA A 467 14.43 9.42 12.29
C ALA A 467 15.00 8.01 12.08
N SER A 468 14.40 7.04 12.78
CA SER A 468 14.72 5.59 12.66
C SER A 468 13.49 4.71 12.90
N GLY A 469 13.59 3.44 12.56
CA GLY A 469 12.49 2.48 12.78
C GLY A 469 13.06 1.22 13.38
N ALA A 470 12.23 0.39 13.99
CA ALA A 470 12.66 -0.90 14.57
C ALA A 470 11.55 -1.94 14.54
N LEU A 471 11.96 -3.19 14.34
CA LEU A 471 11.11 -4.41 14.48
C LEU A 471 11.68 -5.26 15.60
N LEU A 472 10.91 -5.35 16.69
CA LEU A 472 11.20 -6.15 17.89
C LEU A 472 10.46 -7.48 17.76
N GLU A 473 11.19 -8.57 17.82
CA GLU A 473 10.60 -9.92 17.83
C GLU A 473 10.92 -10.59 19.17
N PHE A 474 9.89 -10.90 19.96
CA PHE A 474 10.03 -11.55 21.29
C PHE A 474 9.84 -13.06 21.15
N ALA B . 11.07 -14.21 22.09
CA ALA B . 10.92 -15.67 21.86
C ALA B . 9.49 -16.10 22.18
O ALA B . 8.90 -15.31 22.92
CB ALA B . 11.93 -16.38 22.74
H1 ALA B . 11.72 -14.06 22.71
H2 ALA B . 10.24 -13.86 22.43
H3 ALA B . 11.34 -13.80 21.26
HA ALA B . 11.12 -15.87 20.92
HB1 ALA B . 11.86 -17.34 22.61
HB2 ALA B . 12.83 -16.09 22.50
HB3 ALA B . 11.76 -16.17 23.67
C4 OUU C . -0.91 9.04 -10.55
C5 OUU C . -0.91 9.37 -9.05
C8 OUU C . 1.04 9.56 -11.86
C12 OUU C . 3.94 5.79 -12.15
C3 OUU C . -1.88 7.90 -10.84
C2 OUU C . -3.26 8.24 -10.27
C1 OUU C . -3.22 8.42 -8.75
C7 OUU C . -2.30 9.60 -8.43
C6 OUU C . -0.04 10.59 -8.81
O6A OUU C . -0.56 11.69 -9.03
O6B OUU C . 1.11 10.41 -8.43
O4 OUU C . 0.41 8.66 -10.96
O3 OUU C . -1.99 7.71 -12.25
O2 OUU C . -4.17 7.23 -10.65
O8 OUU C . -2.87 10.81 -8.95
C9 OUU C . 2.53 9.32 -12.03
N10 OUU C . 2.87 7.92 -12.34
C11 OUU C . 3.89 7.25 -11.81
O13 OUU C . 4.76 7.77 -11.11
H4 OUU C . -1.19 9.84 -11.06
H5 OUU C . -0.49 8.62 -8.58
H81 OUU C . 0.60 9.49 -12.74
H8 OUU C . 0.90 10.48 -11.54
H122 OUU C . 3.14 5.36 -11.81
H12 OUU C . 4.72 5.39 -11.74
H121 OUU C . 3.98 5.69 -13.11
H3 OUU C . -1.56 7.07 -10.43
H2 OUU C . -3.54 9.09 -10.67
H1 OUU C . -4.13 8.63 -8.42
H9 OUU C . -2.21 9.68 -7.45
HO3 OUU C . -2.53 7.08 -12.41
HO2 OUU C . -3.77 6.64 -11.11
H11 OUU C . -2.31 11.14 -9.49
H91 OUU C . 2.99 9.57 -11.21
H92 OUU C . 2.87 9.88 -12.77
HN10 OUU C . 2.34 7.52 -12.90
S SO4 D . -10.72 -8.41 12.60
O1 SO4 D . -11.97 -8.79 12.00
O2 SO4 D . -10.98 -7.81 13.88
O3 SO4 D . -9.90 -9.58 12.77
O4 SO4 D . -10.06 -7.46 11.74
#